data_6MHD
#
_entry.id   6MHD
#
_cell.length_a   60.159
_cell.length_b   71.060
_cell.length_c   60.443
_cell.angle_alpha   90.00
_cell.angle_beta   114.73
_cell.angle_gamma   90.00
#
_symmetry.space_group_name_H-M   'P 1 21 1'
#
loop_
_entity.id
_entity.type
_entity.pdbx_description
1 polymer 'Glutathione S-transferase omega-1'
2 non-polymer N-[(3-methyl-1,2-oxazol-5-yl)methyl]-N-(4-phenyl-1,3-thiazol-2-yl)propanamide
3 non-polymer '2-(N-MORPHOLINO)-ETHANESULFONIC ACID'
4 non-polymer ACETONE
5 water water
#
_entity_poly.entity_id   1
_entity_poly.type   'polypeptide(L)'
_entity_poly.pdbx_seq_one_letter_code
;SNAMSGESARSLGKGSAPPGPVPEGSIRIYSMRFCPFAERTRLVLKAKGIRHEVININLKNKPEWFFKKNPFGLVPVLEN
SQGQLIYESAITCEYLDEAYPGKKLLPDDPYEKACQKMILELFSKVPSLVGSFIRSQNKEDYAGLKEEFRKEFTKLEEVL
TNKKTTFFGGNSISMIDYLIWPWFERLEAMKLNECVDHTPKLKLWMAAMKEDPTVSALLTSEKDWQGFLELYLQNSPEAC
DYGL
;
_entity_poly.pdbx_strand_id   A,B
#
# COMPACT_ATOMS: atom_id res chain seq x y z
N SER A 1 -32.41 -11.97 13.03
CA SER A 1 -31.42 -12.11 11.95
C SER A 1 -30.35 -13.16 12.29
N ASN A 2 -29.77 -13.82 11.28
CA ASN A 2 -28.72 -14.83 11.51
C ASN A 2 -27.31 -14.21 11.40
N ALA A 3 -26.55 -14.23 12.51
CA ALA A 3 -25.19 -13.68 12.56
C ALA A 3 -24.19 -14.69 12.01
N MET A 4 -23.65 -14.43 10.81
CA MET A 4 -22.69 -15.33 10.14
C MET A 4 -21.26 -14.81 10.07
N SER A 5 -20.99 -13.63 10.65
CA SER A 5 -19.66 -13.02 10.54
C SER A 5 -19.19 -12.23 11.78
N GLY A 6 -19.24 -12.87 12.97
CA GLY A 6 -18.79 -12.30 14.24
C GLY A 6 -19.68 -11.21 14.83
N GLU A 7 -20.92 -11.07 14.31
CA GLU A 7 -21.86 -10.04 14.76
C GLU A 7 -22.30 -10.17 16.22
N SER A 8 -22.23 -11.37 16.81
CA SER A 8 -22.64 -11.58 18.21
C SER A 8 -21.48 -11.90 19.18
N ALA A 9 -20.20 -11.85 18.71
CA ALA A 9 -19.07 -12.14 19.59
C ALA A 9 -18.63 -10.88 20.37
N ARG A 10 -18.82 -10.89 21.71
CA ARG A 10 -18.40 -9.79 22.60
C ARG A 10 -16.90 -9.58 22.44
N SER A 11 -16.45 -8.32 22.33
CA SER A 11 -15.04 -8.01 22.12
C SER A 11 -14.18 -8.35 23.32
N LEU A 12 -12.91 -8.71 23.06
CA LEU A 12 -11.92 -9.04 24.07
C LEU A 12 -11.11 -7.77 24.38
N GLY A 13 -11.10 -7.39 25.66
CA GLY A 13 -10.41 -6.21 26.19
C GLY A 13 -9.35 -6.58 27.21
N LYS A 14 -8.76 -5.58 27.87
CA LYS A 14 -7.74 -5.77 28.92
C LYS A 14 -8.39 -6.61 30.05
N GLY A 15 -7.76 -7.73 30.41
CA GLY A 15 -8.24 -8.61 31.46
C GLY A 15 -8.89 -9.88 30.96
N SER A 16 -9.31 -9.90 29.70
CA SER A 16 -9.91 -11.09 29.11
C SER A 16 -8.76 -11.98 28.65
N ALA A 17 -8.97 -13.28 28.53
CA ALA A 17 -7.90 -14.16 28.07
C ALA A 17 -7.92 -14.31 26.54
N PRO A 18 -6.73 -14.45 25.91
CA PRO A 18 -6.70 -14.71 24.47
C PRO A 18 -7.39 -16.02 24.11
N PRO A 19 -7.96 -16.12 22.88
CA PRO A 19 -8.64 -17.36 22.47
C PRO A 19 -7.74 -18.59 22.41
N GLY A 20 -8.36 -19.78 22.41
CA GLY A 20 -7.67 -21.06 22.30
C GLY A 20 -6.92 -21.26 20.98
N PRO A 21 -6.42 -22.48 20.68
CA PRO A 21 -5.71 -22.66 19.40
C PRO A 21 -6.69 -22.68 18.24
N VAL A 22 -6.18 -22.36 17.04
CA VAL A 22 -7.05 -22.34 15.87
C VAL A 22 -7.31 -23.80 15.42
N PRO A 23 -8.58 -24.25 15.36
CA PRO A 23 -8.84 -25.61 14.86
C PRO A 23 -8.25 -25.79 13.46
N GLU A 24 -7.71 -26.98 13.18
CA GLU A 24 -7.17 -27.34 11.89
C GLU A 24 -8.33 -27.30 10.89
N GLY A 25 -8.07 -26.80 9.70
CA GLY A 25 -9.09 -26.67 8.68
C GLY A 25 -9.88 -25.37 8.78
N SER A 26 -9.64 -24.59 9.84
CA SER A 26 -10.26 -23.29 10.05
C SER A 26 -9.16 -22.21 10.09
N ILE A 27 -9.56 -20.95 9.96
CA ILE A 27 -8.69 -19.77 10.03
C ILE A 27 -9.33 -18.76 10.95
N ARG A 28 -8.55 -18.08 11.76
CA ARG A 28 -9.15 -17.09 12.65
C ARG A 28 -8.88 -15.70 12.08
N ILE A 29 -9.87 -14.84 12.21
CA ILE A 29 -9.78 -13.43 11.91
C ILE A 29 -9.98 -12.68 13.21
N TYR A 30 -8.97 -11.89 13.59
CA TYR A 30 -9.07 -10.92 14.69
C TYR A 30 -9.65 -9.68 14.02
N SER A 31 -10.85 -9.24 14.45
CA SER A 31 -11.65 -8.15 13.87
C SER A 31 -12.27 -7.22 14.93
N MET A 32 -13.15 -6.31 14.48
CA MET A 32 -13.95 -5.37 15.27
C MET A 32 -15.17 -5.15 14.40
N ARG A 33 -16.36 -5.36 14.97
CA ARG A 33 -17.62 -5.38 14.21
C ARG A 33 -17.89 -4.17 13.30
N PHE A 34 -17.32 -3.00 13.60
CA PHE A 34 -17.59 -1.81 12.80
C PHE A 34 -16.37 -1.29 12.07
N CYS A 35 -15.23 -2.00 12.15
CA CYS A 35 -14.01 -1.56 11.47
C CYS A 35 -14.12 -1.83 9.97
N PRO A 36 -14.06 -0.77 9.11
CA PRO A 36 -14.16 -1.01 7.64
C PRO A 36 -12.98 -1.78 7.03
N PHE A 37 -11.76 -1.68 7.60
CA PHE A 37 -10.58 -2.42 7.13
C PHE A 37 -10.73 -3.92 7.39
N ALA A 38 -11.23 -4.33 8.58
CA ALA A 38 -11.42 -5.76 8.91
C ALA A 38 -12.62 -6.28 8.15
N GLU A 39 -13.58 -5.39 7.82
CA GLU A 39 -14.73 -5.82 7.03
C GLU A 39 -14.30 -6.29 5.65
N ARG A 40 -13.24 -5.68 5.01
CA ARG A 40 -12.67 -6.14 3.74
C ARG A 40 -12.41 -7.65 3.77
N THR A 41 -11.71 -8.09 4.83
CA THR A 41 -11.32 -9.48 5.07
C THR A 41 -12.54 -10.36 5.32
N ARG A 42 -13.50 -9.89 6.12
CA ARG A 42 -14.72 -10.66 6.39
C ARG A 42 -15.51 -10.89 5.11
N LEU A 43 -15.54 -9.88 4.20
CA LEU A 43 -16.24 -10.00 2.90
C LEU A 43 -15.57 -11.07 2.05
N VAL A 44 -14.23 -11.09 2.00
CA VAL A 44 -13.50 -12.10 1.24
C VAL A 44 -13.72 -13.54 1.81
N LEU A 45 -13.68 -13.70 3.14
CA LEU A 45 -13.94 -14.99 3.77
C LEU A 45 -15.33 -15.55 3.43
N LYS A 46 -16.35 -14.70 3.47
CA LYS A 46 -17.73 -15.07 3.11
C LYS A 46 -17.83 -15.43 1.61
N ALA A 47 -17.33 -14.55 0.72
CA ALA A 47 -17.39 -14.70 -0.75
C ALA A 47 -16.75 -15.98 -1.29
N LYS A 48 -15.57 -16.34 -0.72
CA LYS A 48 -14.86 -17.55 -1.07
C LYS A 48 -15.37 -18.79 -0.28
N GLY A 49 -16.35 -18.61 0.62
CA GLY A 49 -16.90 -19.69 1.43
C GLY A 49 -15.88 -20.40 2.32
N ILE A 50 -14.99 -19.63 2.97
CA ILE A 50 -13.93 -20.17 3.84
C ILE A 50 -14.47 -20.38 5.25
N ARG A 51 -14.12 -21.53 5.90
CA ARG A 51 -14.50 -21.81 7.29
C ARG A 51 -13.64 -20.92 8.16
N HIS A 52 -14.28 -20.12 9.02
CA HIS A 52 -13.49 -19.22 9.81
C HIS A 52 -14.16 -18.87 11.09
N GLU A 53 -13.36 -18.46 12.04
CA GLU A 53 -13.86 -17.94 13.30
C GLU A 53 -13.47 -16.46 13.43
N VAL A 54 -14.39 -15.62 13.91
CA VAL A 54 -14.15 -14.20 14.12
C VAL A 54 -13.94 -13.94 15.60
N ILE A 55 -12.80 -13.35 15.96
CA ILE A 55 -12.52 -12.94 17.34
C ILE A 55 -12.51 -11.42 17.32
N ASN A 56 -13.40 -10.77 18.10
CA ASN A 56 -13.46 -9.29 18.13
C ASN A 56 -12.56 -8.70 19.20
N ILE A 57 -11.88 -7.61 18.86
CA ILE A 57 -10.97 -6.93 19.79
C ILE A 57 -11.57 -5.60 20.10
N ASN A 58 -11.56 -5.26 21.39
CA ASN A 58 -12.00 -3.96 21.89
C ASN A 58 -10.83 -3.01 21.65
N LEU A 59 -10.92 -2.26 20.54
CA LEU A 59 -9.91 -1.31 20.08
C LEU A 59 -9.73 -0.11 21.00
N LYS A 60 -10.71 0.21 21.87
CA LYS A 60 -10.59 1.28 22.87
C LYS A 60 -10.25 0.73 24.28
N ASN A 61 -9.85 -0.55 24.37
CA ASN A 61 -9.46 -1.26 25.61
C ASN A 61 -8.65 -2.51 25.20
N LYS A 62 -7.62 -2.28 24.40
CA LYS A 62 -6.81 -3.28 23.74
C LYS A 62 -5.96 -4.14 24.67
N PRO A 63 -6.12 -5.48 24.61
CA PRO A 63 -5.26 -6.33 25.43
C PRO A 63 -3.83 -6.24 24.91
N GLU A 64 -2.86 -6.19 25.81
CA GLU A 64 -1.45 -6.15 25.40
C GLU A 64 -1.02 -7.45 24.65
N TRP A 65 -1.68 -8.64 24.88
CA TRP A 65 -1.38 -9.88 24.13
C TRP A 65 -1.63 -9.75 22.63
N PHE A 66 -2.55 -8.83 22.24
CA PHE A 66 -2.89 -8.58 20.85
C PHE A 66 -1.72 -7.99 20.06
N PHE A 67 -0.76 -7.33 20.72
CA PHE A 67 0.44 -6.82 20.02
C PHE A 67 1.40 -7.94 19.61
N LYS A 68 1.17 -9.16 20.14
CA LYS A 68 1.92 -10.37 19.74
C LYS A 68 1.32 -10.94 18.46
N LYS A 69 0.05 -10.59 18.16
CA LYS A 69 -0.61 -11.06 16.92
C LYS A 69 -0.18 -10.14 15.78
N ASN A 70 -0.21 -8.82 16.02
CA ASN A 70 0.15 -7.75 15.09
C ASN A 70 0.92 -6.69 15.91
N PRO A 71 2.22 -6.41 15.59
CA PRO A 71 2.95 -5.38 16.33
C PRO A 71 2.41 -3.97 16.15
N PHE A 72 1.57 -3.76 15.13
CA PHE A 72 0.91 -2.46 14.92
C PHE A 72 -0.32 -2.34 15.79
N GLY A 73 -0.81 -3.47 16.32
CA GLY A 73 -1.98 -3.50 17.19
C GLY A 73 -3.28 -3.23 16.47
N LEU A 74 -3.32 -3.51 15.18
CA LEU A 74 -4.49 -3.24 14.36
C LEU A 74 -5.20 -4.49 13.89
N VAL A 75 -6.51 -4.40 13.68
CA VAL A 75 -7.25 -5.46 13.05
C VAL A 75 -7.39 -5.04 11.60
N PRO A 76 -7.58 -5.93 10.62
CA PRO A 76 -7.67 -7.41 10.73
C PRO A 76 -6.33 -8.08 10.89
N VAL A 77 -6.36 -9.27 11.49
CA VAL A 77 -5.20 -10.15 11.61
C VAL A 77 -5.76 -11.54 11.35
N LEU A 78 -5.12 -12.29 10.46
CA LEU A 78 -5.50 -13.68 10.22
C LEU A 78 -4.54 -14.54 10.99
N GLU A 79 -5.03 -15.66 11.56
CA GLU A 79 -4.20 -16.64 12.28
C GLU A 79 -4.61 -18.07 11.88
N ASN A 80 -3.69 -18.90 11.41
CA ASN A 80 -4.11 -20.26 11.07
C ASN A 80 -3.68 -21.28 12.14
N SER A 81 -3.99 -22.57 11.89
CA SER A 81 -3.67 -23.70 12.79
C SER A 81 -2.18 -23.94 12.91
N GLN A 82 -1.39 -23.55 11.88
CA GLN A 82 0.07 -23.67 11.86
C GLN A 82 0.74 -22.58 12.71
N GLY A 83 -0.04 -21.61 13.17
CA GLY A 83 0.45 -20.48 13.96
C GLY A 83 0.87 -19.28 13.14
N GLN A 84 0.69 -19.33 11.79
CA GLN A 84 1.07 -18.21 10.90
C GLN A 84 0.13 -17.01 11.14
N LEU A 85 0.71 -15.80 11.13
CA LEU A 85 -0.01 -14.54 11.35
C LEU A 85 0.13 -13.61 10.16
N ILE A 86 -1.00 -13.06 9.67
CA ILE A 86 -1.02 -12.18 8.52
C ILE A 86 -1.83 -10.94 8.87
N TYR A 87 -1.25 -9.77 8.64
CA TYR A 87 -1.95 -8.53 8.96
C TYR A 87 -1.82 -7.56 7.77
N GLU A 88 -2.54 -6.40 7.83
CA GLU A 88 -2.75 -5.38 6.80
C GLU A 88 -3.90 -5.92 5.98
N SER A 89 -5.06 -5.22 5.97
CA SER A 89 -6.29 -5.64 5.31
C SER A 89 -6.14 -6.06 3.84
N ALA A 90 -5.39 -5.28 2.99
CA ALA A 90 -5.19 -5.67 1.58
C ALA A 90 -4.27 -6.90 1.52
N ILE A 91 -3.32 -7.05 2.48
CA ILE A 91 -2.49 -8.28 2.50
C ILE A 91 -3.34 -9.53 2.88
N THR A 92 -4.19 -9.44 3.91
CA THR A 92 -5.03 -10.54 4.33
C THR A 92 -5.96 -10.98 3.19
N CYS A 93 -6.52 -10.00 2.45
CA CYS A 93 -7.40 -10.28 1.31
C CYS A 93 -6.72 -11.04 0.16
N GLU A 94 -5.57 -10.57 -0.34
CA GLU A 94 -4.82 -11.23 -1.39
C GLU A 94 -4.36 -12.62 -0.94
N TYR A 95 -3.98 -12.76 0.32
CA TYR A 95 -3.55 -14.06 0.85
C TYR A 95 -4.69 -15.07 0.72
N LEU A 96 -5.91 -14.69 1.16
CA LEU A 96 -7.07 -15.58 1.12
C LEU A 96 -7.44 -15.95 -0.30
N ASP A 97 -7.40 -14.99 -1.23
CA ASP A 97 -7.73 -15.30 -2.63
C ASP A 97 -6.78 -16.29 -3.29
N GLU A 98 -5.50 -16.26 -2.89
CA GLU A 98 -4.44 -17.13 -3.41
C GLU A 98 -4.39 -18.50 -2.71
N ALA A 99 -4.58 -18.55 -1.39
CA ALA A 99 -4.44 -19.79 -0.60
C ALA A 99 -5.67 -20.71 -0.60
N TYR A 100 -6.88 -20.17 -0.77
CA TYR A 100 -8.07 -20.99 -0.69
C TYR A 100 -8.81 -21.23 -2.01
N PRO A 101 -9.53 -22.38 -2.13
CA PRO A 101 -10.36 -22.60 -3.32
C PRO A 101 -11.62 -21.73 -3.21
N GLY A 102 -12.57 -21.93 -4.11
CA GLY A 102 -13.81 -21.17 -4.15
C GLY A 102 -13.73 -20.12 -5.23
N LYS A 103 -14.68 -19.15 -5.25
CA LYS A 103 -14.71 -18.07 -6.24
C LYS A 103 -13.38 -17.32 -6.28
N LYS A 104 -12.81 -17.12 -7.49
CA LYS A 104 -11.59 -16.34 -7.66
C LYS A 104 -12.04 -14.87 -7.72
N LEU A 105 -11.50 -14.02 -6.83
CA LEU A 105 -11.87 -12.58 -6.76
C LEU A 105 -10.87 -11.70 -7.50
N LEU A 106 -9.66 -12.19 -7.65
CA LEU A 106 -8.64 -11.45 -8.39
C LEU A 106 -8.52 -12.05 -9.80
N PRO A 107 -8.30 -11.21 -10.83
CA PRO A 107 -8.16 -11.77 -12.19
C PRO A 107 -6.80 -12.45 -12.39
N ASP A 108 -6.74 -13.37 -13.35
CA ASP A 108 -5.48 -14.06 -13.72
C ASP A 108 -4.44 -13.16 -14.38
N ASP A 109 -4.89 -12.23 -15.26
CA ASP A 109 -4.00 -11.35 -16.01
C ASP A 109 -3.14 -10.38 -15.13
N PRO A 110 -1.78 -10.35 -15.28
CA PRO A 110 -0.97 -9.44 -14.45
C PRO A 110 -1.34 -7.96 -14.55
N TYR A 111 -1.69 -7.49 -15.76
CA TYR A 111 -2.10 -6.10 -15.89
C TYR A 111 -3.46 -5.82 -15.21
N GLU A 112 -4.41 -6.75 -15.30
CA GLU A 112 -5.73 -6.55 -14.70
C GLU A 112 -5.64 -6.60 -13.18
N LYS A 113 -4.72 -7.39 -12.65
CA LYS A 113 -4.41 -7.46 -11.23
C LYS A 113 -3.83 -6.07 -10.81
N ALA A 114 -2.91 -5.50 -11.61
CA ALA A 114 -2.28 -4.20 -11.40
C ALA A 114 -3.34 -3.09 -11.35
N CYS A 115 -4.31 -3.12 -12.26
CA CYS A 115 -5.41 -2.16 -12.34
C CYS A 115 -6.22 -2.05 -11.09
N GLN A 116 -6.53 -3.20 -10.48
CA GLN A 116 -7.27 -3.36 -9.23
C GLN A 116 -6.50 -2.65 -8.09
N LYS A 117 -5.18 -2.87 -8.02
CA LYS A 117 -4.36 -2.22 -7.01
C LYS A 117 -4.26 -0.69 -7.29
N MET A 118 -4.26 -0.26 -8.56
CA MET A 118 -4.22 1.15 -8.93
C MET A 118 -5.52 1.86 -8.56
N ILE A 119 -6.66 1.19 -8.75
CA ILE A 119 -7.98 1.71 -8.37
C ILE A 119 -7.99 1.84 -6.85
N LEU A 120 -7.38 0.85 -6.14
CA LEU A 120 -7.29 0.92 -4.67
C LEU A 120 -6.56 2.22 -4.28
N GLU A 121 -5.47 2.57 -5.02
CA GLU A 121 -4.71 3.81 -4.79
C GLU A 121 -5.53 5.07 -5.08
N LEU A 122 -6.36 5.06 -6.14
CA LEU A 122 -7.21 6.21 -6.45
C LEU A 122 -8.24 6.43 -5.32
N PHE A 123 -8.63 5.35 -4.63
CA PHE A 123 -9.61 5.42 -3.54
C PHE A 123 -8.97 5.87 -2.19
N SER A 124 -7.64 5.75 -2.06
CA SER A 124 -6.85 5.87 -0.83
C SER A 124 -7.18 7.08 0.08
N LYS A 125 -7.53 8.26 -0.46
CA LYS A 125 -7.89 9.42 0.34
C LYS A 125 -9.25 9.30 1.02
N VAL A 126 -10.17 8.49 0.49
CA VAL A 126 -11.53 8.35 1.04
C VAL A 126 -11.54 7.98 2.55
N PRO A 127 -10.86 6.91 3.06
CA PRO A 127 -10.86 6.67 4.52
C PRO A 127 -10.42 7.87 5.37
N SER A 128 -9.36 8.62 4.95
CA SER A 128 -8.92 9.81 5.69
C SER A 128 -9.96 10.94 5.63
N LEU A 129 -10.65 11.09 4.47
CA LEU A 129 -11.73 12.07 4.33
C LEU A 129 -12.90 11.73 5.24
N VAL A 130 -13.23 10.41 5.36
CA VAL A 130 -14.30 9.88 6.21
C VAL A 130 -13.94 10.18 7.71
N GLY A 131 -12.66 9.99 8.07
CA GLY A 131 -12.15 10.28 9.40
C GLY A 131 -12.28 11.75 9.78
N SER A 132 -11.97 12.66 8.83
CA SER A 132 -12.05 14.10 9.02
C SER A 132 -13.50 14.56 9.16
N PHE A 133 -14.37 14.09 8.28
CA PHE A 133 -15.80 14.42 8.27
C PHE A 133 -16.50 14.09 9.57
N ILE A 134 -16.22 12.89 10.13
CA ILE A 134 -16.84 12.45 11.39
C ILE A 134 -16.34 13.31 12.61
N ARG A 135 -15.22 14.04 12.45
CA ARG A 135 -14.62 14.92 13.45
C ARG A 135 -14.92 16.43 13.21
N SER A 136 -15.76 16.75 12.20
CA SER A 136 -16.14 18.11 11.84
C SER A 136 -16.90 18.81 12.94
N GLN A 137 -16.54 20.09 13.21
CA GLN A 137 -17.09 20.95 14.27
C GLN A 137 -17.77 22.24 13.76
N ASN A 138 -17.54 22.63 12.50
CA ASN A 138 -18.11 23.83 11.89
C ASN A 138 -18.84 23.55 10.56
N LYS A 139 -19.70 24.49 10.12
CA LYS A 139 -20.47 24.39 8.87
C LYS A 139 -19.57 24.48 7.63
N GLU A 140 -18.59 25.40 7.63
CA GLU A 140 -17.64 25.65 6.54
C GLU A 140 -16.76 24.46 6.20
N ASP A 141 -16.21 23.75 7.22
CA ASP A 141 -15.35 22.57 7.03
C ASP A 141 -16.18 21.37 6.52
N TYR A 142 -17.41 21.20 7.07
CA TYR A 142 -18.41 20.19 6.73
C TYR A 142 -18.78 20.30 5.22
N ALA A 143 -19.00 21.54 4.73
CA ALA A 143 -19.29 21.83 3.31
C ALA A 143 -18.02 21.62 2.44
N GLY A 144 -16.86 22.07 2.95
CA GLY A 144 -15.58 21.95 2.28
C GLY A 144 -15.18 20.50 2.09
N LEU A 145 -15.46 19.65 3.10
CA LEU A 145 -15.16 18.22 3.03
C LEU A 145 -16.06 17.48 2.04
N LYS A 146 -17.34 17.91 1.88
CA LYS A 146 -18.30 17.35 0.92
C LYS A 146 -17.82 17.64 -0.48
N GLU A 147 -17.23 18.81 -0.71
CA GLU A 147 -16.65 19.18 -2.00
C GLU A 147 -15.49 18.24 -2.34
N GLU A 148 -14.70 17.81 -1.32
CA GLU A 148 -13.57 16.89 -1.48
C GLU A 148 -14.01 15.45 -1.72
N PHE A 149 -15.13 15.04 -1.09
CA PHE A 149 -15.72 13.74 -1.30
C PHE A 149 -16.19 13.66 -2.76
N ARG A 150 -16.79 14.75 -3.27
CA ARG A 150 -17.28 14.87 -4.64
C ARG A 150 -16.16 14.67 -5.68
N LYS A 151 -15.01 15.37 -5.48
CA LYS A 151 -13.81 15.31 -6.32
C LYS A 151 -13.17 13.92 -6.34
N GLU A 152 -13.18 13.21 -5.20
CA GLU A 152 -12.61 11.86 -5.10
C GLU A 152 -13.51 10.84 -5.75
N PHE A 153 -14.83 11.06 -5.66
CA PHE A 153 -15.83 10.19 -6.24
C PHE A 153 -15.81 10.34 -7.77
N THR A 154 -15.53 11.58 -8.26
CA THR A 154 -15.34 11.89 -9.69
C THR A 154 -14.19 11.01 -10.26
N LYS A 155 -13.05 10.89 -9.55
CA LYS A 155 -11.91 10.02 -9.90
C LYS A 155 -12.37 8.54 -10.07
N LEU A 156 -13.26 8.07 -9.19
CA LEU A 156 -13.80 6.70 -9.26
C LEU A 156 -14.76 6.54 -10.42
N GLU A 157 -15.58 7.58 -10.66
CA GLU A 157 -16.56 7.61 -11.76
C GLU A 157 -15.85 7.51 -13.12
N GLU A 158 -14.71 8.19 -13.28
CA GLU A 158 -13.87 8.17 -14.50
C GLU A 158 -13.46 6.71 -14.83
N VAL A 159 -13.11 5.91 -13.81
CA VAL A 159 -12.72 4.50 -13.97
C VAL A 159 -13.86 3.68 -14.56
N LEU A 160 -15.06 3.76 -13.95
CA LEU A 160 -16.25 3.04 -14.40
C LEU A 160 -16.64 3.49 -15.82
N THR A 161 -16.36 4.75 -16.14
CA THR A 161 -16.65 5.32 -17.45
C THR A 161 -15.73 4.71 -18.50
N ASN A 162 -14.41 4.88 -18.31
CA ASN A 162 -13.35 4.39 -19.20
C ASN A 162 -13.39 2.90 -19.40
N LYS A 163 -13.85 2.16 -18.37
CA LYS A 163 -13.93 0.70 -18.41
C LYS A 163 -15.20 0.22 -19.05
N LYS A 164 -16.27 1.03 -18.98
CA LYS A 164 -17.61 0.74 -19.50
C LYS A 164 -18.19 -0.51 -18.80
N THR A 165 -17.87 -0.68 -17.51
CA THR A 165 -18.30 -1.84 -16.73
C THR A 165 -19.14 -1.46 -15.52
N THR A 166 -19.97 -2.38 -15.01
CA THR A 166 -20.77 -2.09 -13.81
C THR A 166 -19.88 -2.04 -12.55
N PHE A 167 -18.92 -2.98 -12.45
CA PHE A 167 -18.01 -3.08 -11.31
C PHE A 167 -16.61 -2.63 -11.66
N PHE A 168 -15.78 -2.36 -10.63
CA PHE A 168 -14.43 -1.84 -10.82
C PHE A 168 -13.46 -2.79 -11.53
N GLY A 169 -13.70 -4.10 -11.46
CA GLY A 169 -12.86 -5.08 -12.14
C GLY A 169 -13.55 -5.81 -13.28
N GLY A 170 -14.64 -5.26 -13.81
CA GLY A 170 -15.38 -5.88 -14.89
C GLY A 170 -16.89 -5.86 -14.71
N ASN A 171 -17.58 -6.81 -15.35
CA ASN A 171 -19.04 -6.90 -15.33
C ASN A 171 -19.54 -7.74 -14.19
N SER A 172 -18.62 -8.31 -13.43
CA SER A 172 -18.93 -9.13 -12.26
C SER A 172 -18.12 -8.62 -11.06
N ILE A 173 -18.65 -8.80 -9.81
CA ILE A 173 -17.96 -8.43 -8.56
C ILE A 173 -16.59 -9.07 -8.43
N SER A 174 -15.60 -8.30 -8.00
CA SER A 174 -14.24 -8.84 -7.80
C SER A 174 -13.60 -8.22 -6.55
N MET A 175 -12.35 -8.58 -6.26
CA MET A 175 -11.64 -8.12 -5.06
C MET A 175 -11.81 -6.64 -4.78
N ILE A 176 -11.52 -5.80 -5.79
CA ILE A 176 -11.54 -4.35 -5.72
C ILE A 176 -12.86 -3.80 -5.18
N ASP A 177 -14.01 -4.38 -5.61
CA ASP A 177 -15.33 -3.92 -5.16
C ASP A 177 -15.46 -4.14 -3.66
N TYR A 178 -15.01 -5.29 -3.16
CA TYR A 178 -15.08 -5.60 -1.73
C TYR A 178 -14.15 -4.76 -0.90
N LEU A 179 -12.99 -4.36 -1.44
CA LEU A 179 -11.98 -3.54 -0.74
C LEU A 179 -12.50 -2.10 -0.49
N ILE A 180 -13.37 -1.60 -1.37
CA ILE A 180 -13.82 -0.21 -1.23
C ILE A 180 -15.24 -0.11 -0.69
N TRP A 181 -16.04 -1.15 -0.86
CA TRP A 181 -17.43 -1.16 -0.38
C TRP A 181 -17.60 -0.70 1.10
N PRO A 182 -16.75 -1.11 2.08
CA PRO A 182 -17.02 -0.73 3.47
C PRO A 182 -17.21 0.77 3.73
N TRP A 183 -16.59 1.63 2.94
CA TRP A 183 -16.80 3.06 3.13
C TRP A 183 -18.06 3.56 2.47
N PHE A 184 -18.40 3.05 1.28
CA PHE A 184 -19.65 3.46 0.60
C PHE A 184 -20.86 2.99 1.34
N GLU A 185 -20.74 1.83 2.00
CA GLU A 185 -21.79 1.22 2.79
C GLU A 185 -22.36 2.16 3.86
N ARG A 186 -21.52 3.08 4.40
CA ARG A 186 -21.88 4.00 5.49
C ARG A 186 -22.30 5.41 5.09
N LEU A 187 -22.27 5.74 3.78
CA LEU A 187 -22.61 7.08 3.27
C LEU A 187 -23.98 7.54 3.65
N GLU A 188 -24.97 6.66 3.57
CA GLU A 188 -26.35 6.97 3.98
C GLU A 188 -26.34 7.32 5.48
N ALA A 189 -25.66 6.52 6.31
CA ALA A 189 -25.55 6.72 7.77
C ALA A 189 -24.82 8.03 8.14
N MET A 190 -23.94 8.50 7.26
CA MET A 190 -23.20 9.74 7.46
C MET A 190 -23.89 10.90 6.78
N LYS A 191 -25.03 10.63 6.12
CA LYS A 191 -25.85 11.61 5.39
C LYS A 191 -25.02 12.24 4.23
N LEU A 192 -24.27 11.38 3.51
CA LEU A 192 -23.42 11.77 2.39
C LEU A 192 -23.90 11.21 1.05
N ASN A 193 -25.13 10.67 0.99
CA ASN A 193 -25.78 10.10 -0.19
C ASN A 193 -25.75 11.05 -1.37
N GLU A 194 -25.97 12.34 -1.10
CA GLU A 194 -25.96 13.39 -2.11
C GLU A 194 -24.58 13.58 -2.74
N CYS A 195 -23.51 13.08 -2.11
CA CYS A 195 -22.17 13.21 -2.66
C CYS A 195 -21.90 12.28 -3.85
N VAL A 196 -22.79 11.31 -4.11
CA VAL A 196 -22.63 10.40 -5.26
C VAL A 196 -23.64 10.72 -6.40
N ASP A 197 -24.55 11.71 -6.21
CA ASP A 197 -25.56 11.97 -7.25
C ASP A 197 -25.02 12.79 -8.43
N HIS A 198 -23.74 13.16 -8.42
CA HIS A 198 -23.12 13.82 -9.56
C HIS A 198 -22.30 12.75 -10.33
N THR A 199 -22.24 11.51 -9.81
CA THR A 199 -21.49 10.37 -10.40
C THR A 199 -22.45 9.20 -10.65
N PRO A 200 -23.11 9.20 -11.85
CA PRO A 200 -24.13 8.18 -12.13
C PRO A 200 -23.70 6.72 -12.03
N LYS A 201 -22.52 6.38 -12.54
CA LYS A 201 -22.07 4.99 -12.51
C LYS A 201 -21.77 4.55 -11.07
N LEU A 202 -21.17 5.46 -10.26
CA LEU A 202 -20.87 5.20 -8.84
C LEU A 202 -22.12 4.86 -8.04
N LYS A 203 -23.18 5.64 -8.25
CA LYS A 203 -24.47 5.45 -7.60
C LYS A 203 -25.08 4.12 -7.99
N LEU A 204 -25.04 3.77 -9.31
CA LEU A 204 -25.51 2.48 -9.82
C LEU A 204 -24.65 1.33 -9.25
N TRP A 205 -23.30 1.53 -9.15
CA TRP A 205 -22.41 0.52 -8.55
C TRP A 205 -22.82 0.23 -7.08
N MET A 206 -23.15 1.28 -6.30
CA MET A 206 -23.57 1.13 -4.89
C MET A 206 -24.85 0.31 -4.73
N ALA A 207 -25.82 0.52 -5.63
CA ALA A 207 -27.11 -0.19 -5.68
C ALA A 207 -26.88 -1.64 -6.02
N ALA A 208 -25.95 -1.91 -6.98
CA ALA A 208 -25.58 -3.25 -7.41
C ALA A 208 -24.88 -4.01 -6.28
N MET A 209 -23.95 -3.34 -5.55
CA MET A 209 -23.23 -3.93 -4.41
C MET A 209 -24.23 -4.31 -3.33
N LYS A 210 -25.22 -3.44 -3.06
CA LYS A 210 -26.27 -3.69 -2.05
C LYS A 210 -27.01 -5.00 -2.29
N GLU A 211 -27.26 -5.33 -3.56
CA GLU A 211 -27.93 -6.54 -4.01
C GLU A 211 -27.04 -7.81 -3.92
N ASP A 212 -25.69 -7.64 -3.83
CA ASP A 212 -24.78 -8.79 -3.78
C ASP A 212 -25.03 -9.67 -2.53
N PRO A 213 -25.16 -11.01 -2.72
CA PRO A 213 -25.43 -11.88 -1.56
C PRO A 213 -24.39 -11.81 -0.44
N THR A 214 -23.10 -11.65 -0.79
CA THR A 214 -22.04 -11.55 0.23
C THR A 214 -22.23 -10.26 1.04
N VAL A 215 -22.39 -9.12 0.35
CA VAL A 215 -22.65 -7.81 0.95
C VAL A 215 -23.89 -7.88 1.85
N SER A 216 -25.03 -8.38 1.31
CA SER A 216 -26.26 -8.47 2.11
C SER A 216 -26.11 -9.35 3.35
N ALA A 217 -25.31 -10.42 3.29
CA ALA A 217 -25.16 -11.26 4.48
C ALA A 217 -24.46 -10.47 5.62
N LEU A 218 -23.54 -9.55 5.29
CA LEU A 218 -22.80 -8.78 6.32
C LEU A 218 -23.50 -7.46 6.75
N LEU A 219 -24.72 -7.21 6.26
CA LEU A 219 -25.41 -5.96 6.57
C LEU A 219 -25.82 -5.87 8.05
N THR A 220 -25.54 -4.69 8.63
CA THR A 220 -25.82 -4.40 10.05
C THR A 220 -26.71 -3.17 10.10
N SER A 221 -27.14 -2.83 11.29
CA SER A 221 -28.03 -1.69 11.53
C SER A 221 -27.28 -0.37 11.37
N GLU A 222 -27.91 0.57 10.65
CA GLU A 222 -27.43 1.92 10.38
C GLU A 222 -27.29 2.69 11.74
N LYS A 223 -28.21 2.41 12.68
CA LYS A 223 -28.23 3.03 14.00
C LYS A 223 -27.21 2.42 14.93
N ASP A 224 -26.94 1.12 14.79
CA ASP A 224 -25.92 0.44 15.59
C ASP A 224 -24.60 1.10 15.25
N TRP A 225 -24.37 1.34 13.95
CA TRP A 225 -23.18 2.01 13.44
C TRP A 225 -23.01 3.38 14.00
N GLN A 226 -24.05 4.24 13.88
CA GLN A 226 -24.04 5.61 14.37
C GLN A 226 -23.82 5.68 15.88
N GLY A 227 -24.42 4.77 16.65
CA GLY A 227 -24.27 4.69 18.11
C GLY A 227 -22.86 4.26 18.47
N PHE A 228 -22.32 3.30 17.69
CA PHE A 228 -20.94 2.87 17.89
C PHE A 228 -20.03 4.08 17.66
N LEU A 229 -20.30 4.86 16.61
CA LEU A 229 -19.48 5.99 16.23
C LEU A 229 -19.33 7.08 17.34
N GLU A 230 -20.45 7.48 17.94
CA GLU A 230 -20.49 8.46 19.02
C GLU A 230 -19.60 8.03 20.18
N LEU A 231 -19.69 6.75 20.55
CA LEU A 231 -18.89 6.19 21.63
C LEU A 231 -17.41 6.13 21.27
N TYR A 232 -17.12 5.72 20.04
CA TYR A 232 -15.77 5.60 19.53
C TYR A 232 -15.04 6.91 19.56
N LEU A 233 -15.72 8.02 19.16
CA LEU A 233 -15.10 9.36 19.16
C LEU A 233 -14.88 9.85 20.58
N GLN A 234 -15.69 9.34 21.54
CA GLN A 234 -15.54 9.60 22.98
C GLN A 234 -14.48 8.66 23.62
N ASN A 235 -13.87 7.74 22.80
CA ASN A 235 -12.83 6.80 23.24
C ASN A 235 -13.37 5.85 24.32
N SER A 236 -14.68 5.59 24.27
CA SER A 236 -15.34 4.73 25.23
C SER A 236 -14.99 3.25 25.05
N PRO A 237 -14.69 2.55 26.17
CA PRO A 237 -14.38 1.11 26.10
C PRO A 237 -15.62 0.27 25.78
N GLU A 238 -16.80 0.92 25.67
CA GLU A 238 -18.06 0.26 25.35
C GLU A 238 -18.49 0.45 23.89
N ALA A 239 -17.67 1.18 23.09
CA ALA A 239 -17.95 1.46 21.68
C ALA A 239 -18.07 0.19 20.84
N CYS A 240 -17.01 -0.63 20.86
CA CYS A 240 -16.91 -1.85 20.05
C CYS A 240 -18.05 -2.87 20.26
N ASP A 241 -18.71 -2.84 21.42
CA ASP A 241 -19.78 -3.77 21.76
C ASP A 241 -21.19 -3.17 21.72
N TYR A 242 -21.36 -1.99 21.10
CA TYR A 242 -22.65 -1.33 21.00
C TYR A 242 -23.62 -2.23 20.20
N GLY A 243 -24.81 -2.45 20.75
CA GLY A 243 -25.84 -3.27 20.13
C GLY A 243 -25.93 -4.65 20.73
N LEU A 244 -24.81 -5.15 21.31
CA LEU A 244 -24.74 -6.47 21.95
C LEU A 244 -25.29 -6.48 23.39
N SER B 1 32.60 5.64 -16.23
CA SER B 1 31.71 4.54 -15.88
C SER B 1 30.60 4.33 -16.93
N ASN B 2 30.05 3.12 -16.97
CA ASN B 2 29.03 2.74 -17.93
C ASN B 2 27.60 3.00 -17.44
N ALA B 3 26.88 3.92 -18.11
CA ALA B 3 25.48 4.23 -17.80
C ALA B 3 24.63 3.05 -18.28
N MET B 4 23.91 2.37 -17.36
CA MET B 4 23.15 1.16 -17.73
C MET B 4 21.64 1.19 -17.32
N SER B 5 21.11 2.39 -16.97
CA SER B 5 19.70 2.53 -16.54
C SER B 5 19.20 4.01 -16.57
N GLY B 6 19.18 4.64 -17.73
CA GLY B 6 18.72 6.02 -17.91
C GLY B 6 19.50 7.13 -17.20
N GLU B 7 20.75 6.86 -16.80
CA GLU B 7 21.62 7.80 -16.07
C GLU B 7 22.03 9.04 -16.84
N SER B 8 22.13 8.99 -18.18
CA SER B 8 22.55 10.15 -18.97
C SER B 8 21.39 10.85 -19.70
N ALA B 9 20.17 10.31 -19.61
CA ALA B 9 19.03 10.90 -20.30
C ALA B 9 18.53 12.16 -19.59
N ARG B 10 18.55 13.31 -20.32
CA ARG B 10 18.06 14.59 -19.83
C ARG B 10 16.56 14.53 -19.66
N SER B 11 16.08 15.04 -18.51
CA SER B 11 14.66 15.03 -18.11
C SER B 11 13.79 15.92 -19.00
N LEU B 12 12.52 15.53 -19.19
CA LEU B 12 11.59 16.26 -20.03
C LEU B 12 10.77 17.13 -19.12
N GLY B 13 10.70 18.43 -19.46
CA GLY B 13 10.04 19.45 -18.68
C GLY B 13 8.79 20.03 -19.32
N LYS B 14 8.25 21.13 -18.73
CA LYS B 14 7.08 21.83 -19.26
C LYS B 14 7.44 22.37 -20.65
N GLY B 15 6.56 22.15 -21.62
CA GLY B 15 6.78 22.53 -23.01
C GLY B 15 7.36 21.42 -23.87
N SER B 16 7.80 20.31 -23.25
CA SER B 16 8.33 19.16 -23.98
C SER B 16 7.17 18.47 -24.71
N ALA B 17 7.44 17.90 -25.88
CA ALA B 17 6.38 17.17 -26.59
C ALA B 17 6.26 15.73 -26.01
N PRO B 18 5.03 15.14 -25.97
CA PRO B 18 4.90 13.77 -25.45
C PRO B 18 5.77 12.80 -26.24
N PRO B 19 6.39 11.78 -25.61
CA PRO B 19 7.22 10.86 -26.40
C PRO B 19 6.33 9.99 -27.29
N GLY B 20 6.90 9.49 -28.39
CA GLY B 20 6.19 8.63 -29.32
C GLY B 20 5.82 7.30 -28.70
N PRO B 21 5.09 6.43 -29.45
CA PRO B 21 4.70 5.13 -28.87
C PRO B 21 5.88 4.23 -28.49
N VAL B 22 5.62 3.28 -27.60
CA VAL B 22 6.63 2.34 -27.12
C VAL B 22 6.89 1.25 -28.18
N PRO B 23 8.16 1.00 -28.59
CA PRO B 23 8.40 -0.07 -29.59
C PRO B 23 8.05 -1.46 -29.04
N GLU B 24 7.48 -2.36 -29.89
CA GLU B 24 7.13 -3.74 -29.49
C GLU B 24 8.39 -4.48 -29.02
N GLY B 25 8.24 -5.28 -27.95
CA GLY B 25 9.34 -6.01 -27.33
C GLY B 25 10.08 -5.19 -26.29
N SER B 26 9.56 -3.98 -26.02
CA SER B 26 10.15 -3.01 -25.10
C SER B 26 9.11 -2.49 -24.12
N ILE B 27 9.53 -2.12 -22.91
CA ILE B 27 8.67 -1.52 -21.87
C ILE B 27 9.30 -0.21 -21.44
N ARG B 28 8.57 0.88 -21.52
CA ARG B 28 9.14 2.15 -21.09
C ARG B 28 8.88 2.39 -19.59
N ILE B 29 9.88 2.94 -18.89
CA ILE B 29 9.78 3.46 -17.52
C ILE B 29 9.98 4.98 -17.52
N TYR B 30 8.97 5.70 -17.01
CA TYR B 30 8.97 7.14 -16.73
C TYR B 30 9.57 7.18 -15.32
N SER B 31 10.73 7.77 -15.20
CA SER B 31 11.52 7.77 -13.96
C SER B 31 12.12 9.17 -13.69
N MET B 32 13.07 9.24 -12.73
CA MET B 32 13.87 10.43 -12.36
C MET B 32 15.09 9.81 -11.74
N ARG B 33 16.25 10.25 -12.17
CA ARG B 33 17.52 9.66 -11.77
C ARG B 33 17.75 9.50 -10.28
N PHE B 34 17.27 10.41 -9.44
CA PHE B 34 17.57 10.32 -8.00
C PHE B 34 16.39 9.87 -7.13
N CYS B 35 15.27 9.54 -7.75
CA CYS B 35 14.08 9.11 -7.04
C CYS B 35 14.23 7.70 -6.48
N PRO B 36 14.14 7.49 -5.16
CA PRO B 36 14.20 6.12 -4.63
C PRO B 36 13.03 5.21 -5.04
N PHE B 37 11.80 5.76 -5.21
CA PHE B 37 10.60 4.95 -5.57
C PHE B 37 10.75 4.42 -7.00
N ALA B 38 11.18 5.30 -7.97
CA ALA B 38 11.49 4.87 -9.33
C ALA B 38 12.68 3.89 -9.36
N GLU B 39 13.61 3.97 -8.37
CA GLU B 39 14.76 3.05 -8.30
C GLU B 39 14.37 1.61 -8.03
N ARG B 40 13.29 1.37 -7.27
CA ARG B 40 12.74 0.02 -7.05
C ARG B 40 12.43 -0.62 -8.41
N THR B 41 11.72 0.09 -9.28
CA THR B 41 11.36 -0.40 -10.61
C THR B 41 12.56 -0.60 -11.54
N ARG B 42 13.61 0.25 -11.43
CA ARG B 42 14.79 0.13 -12.29
C ARG B 42 15.60 -1.07 -11.87
N LEU B 43 15.65 -1.30 -10.56
CA LEU B 43 16.34 -2.44 -9.97
C LEU B 43 15.67 -3.73 -10.43
N VAL B 44 14.31 -3.77 -10.47
CA VAL B 44 13.61 -4.99 -10.88
C VAL B 44 13.81 -5.28 -12.38
N LEU B 45 13.73 -4.24 -13.23
CA LEU B 45 13.95 -4.34 -14.67
C LEU B 45 15.32 -4.97 -15.01
N LYS B 46 16.39 -4.63 -14.24
CA LYS B 46 17.73 -5.16 -14.46
C LYS B 46 17.87 -6.56 -13.91
N ALA B 47 17.43 -6.79 -12.64
CA ALA B 47 17.49 -8.09 -11.96
C ALA B 47 16.84 -9.20 -12.80
N LYS B 48 15.76 -8.86 -13.55
CA LYS B 48 15.02 -9.75 -14.43
C LYS B 48 15.48 -9.65 -15.90
N GLY B 49 16.46 -8.80 -16.19
CA GLY B 49 17.01 -8.57 -17.52
C GLY B 49 15.97 -8.25 -18.57
N ILE B 50 15.06 -7.29 -18.28
CA ILE B 50 13.99 -6.86 -19.19
C ILE B 50 14.47 -5.76 -20.10
N ARG B 51 14.16 -5.83 -21.41
CA ARG B 51 14.50 -4.78 -22.35
C ARG B 51 13.56 -3.58 -22.06
N HIS B 52 14.19 -2.44 -21.74
CA HIS B 52 13.46 -1.23 -21.40
C HIS B 52 14.16 0.05 -21.85
N GLU B 53 13.35 1.10 -22.03
CA GLU B 53 13.81 2.44 -22.32
C GLU B 53 13.41 3.27 -21.09
N VAL B 54 14.21 4.32 -20.75
CA VAL B 54 13.98 5.21 -19.61
C VAL B 54 13.71 6.64 -20.07
N ILE B 55 12.56 7.22 -19.69
CA ILE B 55 12.23 8.61 -19.98
C ILE B 55 12.25 9.33 -18.60
N ASN B 56 13.22 10.27 -18.37
CA ASN B 56 13.29 11.00 -17.11
C ASN B 56 12.34 12.20 -17.11
N ILE B 57 11.60 12.39 -16.00
CA ILE B 57 10.67 13.50 -15.84
C ILE B 57 11.29 14.52 -14.93
N ASN B 58 11.22 15.83 -15.30
CA ASN B 58 11.67 16.93 -14.46
C ASN B 58 10.54 17.21 -13.47
N LEU B 59 10.66 16.63 -12.28
CA LEU B 59 9.70 16.70 -11.19
C LEU B 59 9.47 18.10 -10.61
N LYS B 60 10.34 19.09 -10.90
CA LYS B 60 10.12 20.47 -10.43
C LYS B 60 9.68 21.39 -11.57
N ASN B 61 9.29 20.79 -12.73
CA ASN B 61 8.84 21.48 -13.96
C ASN B 61 8.17 20.40 -14.83
N LYS B 62 7.11 19.80 -14.28
CA LYS B 62 6.40 18.66 -14.86
C LYS B 62 5.71 18.95 -16.20
N PRO B 63 5.90 18.07 -17.21
CA PRO B 63 5.16 18.24 -18.48
C PRO B 63 3.67 17.94 -18.25
N GLU B 64 2.75 18.78 -18.81
CA GLU B 64 1.30 18.57 -18.65
C GLU B 64 0.85 17.18 -19.11
N TRP B 65 1.45 16.66 -20.20
CA TRP B 65 1.19 15.31 -20.73
C TRP B 65 1.53 14.19 -19.74
N PHE B 66 2.45 14.45 -18.77
CA PHE B 66 2.79 13.43 -17.78
C PHE B 66 1.60 13.09 -16.92
N PHE B 67 0.70 14.06 -16.64
CA PHE B 67 -0.51 13.78 -15.85
C PHE B 67 -1.48 12.84 -16.58
N LYS B 68 -1.29 12.60 -17.90
CA LYS B 68 -2.11 11.67 -18.67
C LYS B 68 -1.57 10.23 -18.50
N LYS B 69 -0.27 10.09 -18.11
CA LYS B 69 0.39 8.80 -17.85
C LYS B 69 0.04 8.36 -16.42
N ASN B 70 0.11 9.30 -15.47
CA ASN B 70 -0.21 9.09 -14.06
C ASN B 70 -1.00 10.31 -13.60
N PRO B 71 -2.30 10.20 -13.22
CA PRO B 71 -3.03 11.42 -12.74
C PRO B 71 -2.42 12.03 -11.48
N PHE B 72 -1.74 11.18 -10.66
CA PHE B 72 -1.00 11.63 -9.47
C PHE B 72 0.27 12.40 -9.88
N GLY B 73 0.71 12.21 -11.14
CA GLY B 73 1.88 12.87 -11.72
C GLY B 73 3.17 12.58 -10.99
N LEU B 74 3.38 11.32 -10.61
CA LEU B 74 4.56 10.85 -9.88
C LEU B 74 5.19 9.76 -10.68
N VAL B 75 6.53 9.59 -10.50
CA VAL B 75 7.29 8.50 -11.08
C VAL B 75 7.41 7.39 -10.00
N PRO B 76 7.53 6.08 -10.34
CA PRO B 76 7.64 5.48 -11.66
C PRO B 76 6.32 5.20 -12.32
N VAL B 77 6.34 5.18 -13.65
CA VAL B 77 5.21 4.80 -14.51
C VAL B 77 5.77 3.83 -15.57
N LEU B 78 5.14 2.68 -15.79
CA LEU B 78 5.51 1.75 -16.86
C LEU B 78 4.47 1.90 -17.96
N GLU B 79 4.94 1.88 -19.24
CA GLU B 79 4.09 1.95 -20.44
C GLU B 79 4.62 0.89 -21.42
N ASN B 80 3.77 -0.11 -21.76
CA ASN B 80 4.17 -1.14 -22.71
C ASN B 80 3.78 -0.71 -24.15
N SER B 81 4.08 -1.55 -25.17
CA SER B 81 3.78 -1.26 -26.58
C SER B 81 2.28 -1.19 -26.86
N GLN B 82 1.46 -1.84 -26.00
CA GLN B 82 0.00 -1.82 -26.09
C GLN B 82 -0.58 -0.50 -25.52
N GLY B 83 0.30 0.33 -24.95
CA GLY B 83 -0.10 1.58 -24.34
C GLY B 83 -0.71 1.38 -22.96
N GLN B 84 -0.46 0.20 -22.33
CA GLN B 84 -0.95 -0.11 -20.98
C GLN B 84 -0.08 0.64 -19.98
N LEU B 85 -0.73 1.27 -19.02
CA LEU B 85 -0.07 2.10 -18.01
C LEU B 85 -0.19 1.57 -16.60
N ILE B 86 0.96 1.39 -15.95
CA ILE B 86 1.05 0.90 -14.57
C ILE B 86 1.86 1.89 -13.75
N TYR B 87 1.26 2.39 -12.67
CA TYR B 87 2.01 3.28 -11.79
C TYR B 87 1.93 2.71 -10.36
N GLU B 88 2.65 3.39 -9.45
CA GLU B 88 2.93 3.09 -8.05
C GLU B 88 4.08 2.09 -8.07
N SER B 89 5.19 2.46 -7.37
CA SER B 89 6.41 1.66 -7.36
C SER B 89 6.20 0.21 -6.98
N ALA B 90 5.41 -0.10 -5.95
CA ALA B 90 5.23 -1.51 -5.56
C ALA B 90 4.36 -2.28 -6.57
N ILE B 91 3.36 -1.61 -7.17
CA ILE B 91 2.52 -2.22 -8.21
C ILE B 91 3.37 -2.52 -9.45
N THR B 92 4.25 -1.56 -9.86
CA THR B 92 5.13 -1.72 -11.04
C THR B 92 6.02 -2.93 -10.89
N CYS B 93 6.61 -3.10 -9.69
CA CYS B 93 7.52 -4.19 -9.36
C CYS B 93 6.85 -5.56 -9.38
N GLU B 94 5.67 -5.69 -8.74
CA GLU B 94 4.91 -6.92 -8.72
C GLU B 94 4.50 -7.30 -10.16
N TYR B 95 4.02 -6.32 -10.94
CA TYR B 95 3.61 -6.52 -12.32
C TYR B 95 4.74 -7.09 -13.15
N LEU B 96 5.95 -6.50 -13.04
CA LEU B 96 7.13 -6.96 -13.77
C LEU B 96 7.48 -8.38 -13.44
N ASP B 97 7.46 -8.74 -12.13
CA ASP B 97 7.76 -10.10 -11.67
C ASP B 97 6.77 -11.10 -12.21
N GLU B 98 5.50 -10.70 -12.32
CA GLU B 98 4.43 -11.53 -12.84
C GLU B 98 4.42 -11.69 -14.39
N ALA B 99 4.68 -10.59 -15.12
CA ALA B 99 4.57 -10.54 -16.57
C ALA B 99 5.82 -10.90 -17.36
N TYR B 100 6.97 -11.03 -16.71
CA TYR B 100 8.18 -11.31 -17.46
C TYR B 100 8.89 -12.52 -16.99
N PRO B 101 9.53 -13.28 -17.92
CA PRO B 101 10.31 -14.47 -17.52
C PRO B 101 11.58 -14.01 -16.80
N GLY B 102 12.45 -14.95 -16.44
CA GLY B 102 13.68 -14.65 -15.72
C GLY B 102 13.50 -14.89 -14.24
N LYS B 103 14.57 -14.65 -13.45
CA LYS B 103 14.56 -14.85 -11.99
C LYS B 103 13.26 -14.38 -11.34
N LYS B 104 12.58 -15.28 -10.59
CA LYS B 104 11.34 -14.96 -9.89
C LYS B 104 11.80 -14.26 -8.59
N LEU B 105 11.40 -12.98 -8.43
CA LEU B 105 11.84 -12.15 -7.32
C LEU B 105 10.95 -12.24 -6.11
N LEU B 106 9.66 -12.53 -6.31
CA LEU B 106 8.67 -12.73 -5.25
C LEU B 106 8.32 -14.21 -5.07
N PRO B 107 8.18 -14.70 -3.82
CA PRO B 107 7.78 -16.10 -3.62
C PRO B 107 6.36 -16.34 -4.15
N ASP B 108 6.06 -17.58 -4.57
CA ASP B 108 4.73 -17.90 -5.05
C ASP B 108 3.86 -18.29 -3.87
N ASP B 109 4.44 -19.00 -2.90
CA ASP B 109 3.75 -19.40 -1.67
C ASP B 109 3.02 -18.16 -1.06
N PRO B 110 1.66 -18.20 -0.96
CA PRO B 110 0.92 -16.99 -0.53
C PRO B 110 1.34 -16.41 0.82
N TYR B 111 1.69 -17.27 1.76
CA TYR B 111 2.15 -16.81 3.05
C TYR B 111 3.52 -16.14 2.96
N GLU B 112 4.44 -16.70 2.18
CA GLU B 112 5.78 -16.12 2.08
C GLU B 112 5.72 -14.76 1.36
N LYS B 113 4.84 -14.62 0.34
CA LYS B 113 4.64 -13.33 -0.36
C LYS B 113 3.98 -12.33 0.61
N ALA B 114 3.08 -12.79 1.49
CA ALA B 114 2.42 -11.95 2.48
C ALA B 114 3.49 -11.44 3.48
N CYS B 115 4.45 -12.31 3.88
CA CYS B 115 5.57 -11.88 4.75
C CYS B 115 6.38 -10.80 4.09
N GLN B 116 6.63 -10.90 2.77
CA GLN B 116 7.40 -9.84 2.08
C GLN B 116 6.69 -8.49 2.11
N LYS B 117 5.38 -8.47 1.90
CA LYS B 117 4.62 -7.20 1.92
C LYS B 117 4.42 -6.69 3.34
N MET B 118 4.32 -7.60 4.36
CA MET B 118 4.25 -7.16 5.76
C MET B 118 5.60 -6.50 6.17
N ILE B 119 6.71 -7.02 5.67
CA ILE B 119 8.05 -6.46 5.98
C ILE B 119 8.15 -5.04 5.39
N LEU B 120 7.56 -4.86 4.22
CA LEU B 120 7.50 -3.57 3.53
C LEU B 120 6.68 -2.55 4.37
N GLU B 121 5.61 -3.00 5.09
CA GLU B 121 4.82 -2.11 5.95
C GLU B 121 5.62 -1.74 7.21
N LEU B 122 6.49 -2.67 7.68
CA LEU B 122 7.40 -2.43 8.79
C LEU B 122 8.44 -1.37 8.34
N PHE B 123 8.83 -1.37 7.07
CA PHE B 123 9.78 -0.39 6.52
C PHE B 123 9.17 1.01 6.29
N SER B 124 7.86 1.06 5.96
CA SER B 124 7.06 2.22 5.51
C SER B 124 7.33 3.58 6.19
N LYS B 125 7.80 3.62 7.45
CA LYS B 125 8.07 4.89 8.12
C LYS B 125 9.41 5.50 7.68
N VAL B 126 10.33 4.66 7.17
CA VAL B 126 11.67 5.10 6.75
C VAL B 126 11.61 6.20 5.66
N PRO B 127 10.85 6.07 4.52
CA PRO B 127 10.83 7.19 3.55
C PRO B 127 10.30 8.52 4.13
N SER B 128 9.29 8.47 5.02
CA SER B 128 8.80 9.73 5.64
C SER B 128 9.91 10.31 6.58
N LEU B 129 10.57 9.44 7.35
CA LEU B 129 11.66 9.87 8.22
C LEU B 129 12.84 10.48 7.43
N VAL B 130 13.10 9.97 6.21
CA VAL B 130 14.13 10.52 5.32
C VAL B 130 13.69 11.94 4.87
N GLY B 131 12.40 12.07 4.53
CA GLY B 131 11.80 13.34 4.10
C GLY B 131 11.92 14.43 5.15
N SER B 132 11.61 14.07 6.41
CA SER B 132 11.75 14.96 7.55
C SER B 132 13.23 15.31 7.74
N PHE B 133 14.12 14.32 7.72
CA PHE B 133 15.56 14.58 8.00
C PHE B 133 16.24 15.60 7.07
N ILE B 134 16.00 15.49 5.78
CA ILE B 134 16.62 16.31 4.75
C ILE B 134 16.17 17.79 4.87
N ARG B 135 14.92 17.98 5.33
CA ARG B 135 14.25 19.26 5.50
C ARG B 135 14.51 19.91 6.86
N SER B 136 15.10 19.16 7.85
CA SER B 136 15.36 19.69 9.19
C SER B 136 16.22 20.96 9.15
N GLN B 137 15.66 22.06 9.69
CA GLN B 137 16.25 23.39 9.71
C GLN B 137 16.87 23.77 11.07
N ASN B 138 17.20 22.76 11.90
CA ASN B 138 17.79 22.95 13.23
C ASN B 138 18.58 21.73 13.64
N LYS B 139 19.67 21.95 14.39
CA LYS B 139 20.57 20.93 14.92
C LYS B 139 19.88 20.00 15.90
N GLU B 140 18.87 20.51 16.64
CA GLU B 140 18.10 19.74 17.63
C GLU B 140 17.20 18.68 16.99
N ASP B 141 16.34 19.08 16.01
CA ASP B 141 15.42 18.18 15.27
C ASP B 141 16.21 17.09 14.54
N TYR B 142 17.33 17.49 13.94
CA TYR B 142 18.29 16.68 13.21
C TYR B 142 18.75 15.51 14.08
N ALA B 143 19.28 15.79 15.29
CA ALA B 143 19.77 14.79 16.24
C ALA B 143 18.69 13.83 16.76
N GLY B 144 17.46 14.31 16.84
CA GLY B 144 16.32 13.49 17.28
C GLY B 144 15.80 12.61 16.17
N LEU B 145 16.01 13.01 14.91
CA LEU B 145 15.59 12.16 13.80
C LEU B 145 16.55 10.98 13.66
N LYS B 146 17.79 11.16 14.09
CA LYS B 146 18.79 10.11 14.09
C LYS B 146 18.42 9.00 15.08
N GLU B 147 17.93 9.34 16.30
CA GLU B 147 17.47 8.35 17.30
C GLU B 147 16.24 7.64 16.75
N GLU B 148 15.36 8.41 16.09
CA GLU B 148 14.16 7.85 15.44
C GLU B 148 14.53 6.81 14.36
N PHE B 149 15.62 7.04 13.59
CA PHE B 149 16.10 6.08 12.58
C PHE B 149 16.56 4.78 13.24
N ARG B 150 17.29 4.91 14.37
CA ARG B 150 17.71 3.73 15.13
C ARG B 150 16.50 2.90 15.52
N LYS B 151 15.42 3.54 16.04
CA LYS B 151 14.20 2.83 16.48
C LYS B 151 13.53 2.04 15.35
N GLU B 152 13.52 2.59 14.13
CA GLU B 152 12.93 1.95 12.95
C GLU B 152 13.83 0.83 12.45
N PHE B 153 15.15 1.09 12.37
CA PHE B 153 16.16 0.13 11.94
C PHE B 153 16.17 -1.13 12.82
N THR B 154 16.06 -0.96 14.14
CA THR B 154 15.94 -2.05 15.13
C THR B 154 14.77 -3.01 14.75
N LYS B 155 13.61 -2.46 14.32
CA LYS B 155 12.47 -3.28 13.90
C LYS B 155 12.82 -4.13 12.67
N LEU B 156 13.72 -3.62 11.79
CA LEU B 156 14.19 -4.37 10.63
C LEU B 156 15.20 -5.42 11.07
N GLU B 157 16.12 -5.03 11.98
CA GLU B 157 17.11 -5.88 12.62
C GLU B 157 16.47 -7.15 13.25
N GLU B 158 15.33 -6.99 13.95
CA GLU B 158 14.56 -8.08 14.58
C GLU B 158 14.07 -9.10 13.55
N VAL B 159 13.62 -8.62 12.36
CA VAL B 159 13.14 -9.49 11.27
C VAL B 159 14.30 -10.40 10.82
N LEU B 160 15.50 -9.83 10.62
CA LEU B 160 16.69 -10.61 10.22
C LEU B 160 17.09 -11.58 11.33
N THR B 161 17.11 -11.12 12.58
CA THR B 161 17.43 -11.94 13.76
C THR B 161 16.51 -13.18 13.87
N ASN B 162 15.18 -13.00 13.62
CA ASN B 162 14.20 -14.11 13.69
C ASN B 162 14.32 -15.08 12.51
N LYS B 163 14.41 -14.54 11.27
CA LYS B 163 14.52 -15.29 10.03
C LYS B 163 15.88 -16.01 9.90
N LYS B 164 16.89 -15.51 10.63
CA LYS B 164 18.26 -16.04 10.67
C LYS B 164 18.93 -16.12 9.29
N THR B 165 18.67 -15.12 8.46
CA THR B 165 19.23 -15.08 7.10
C THR B 165 19.90 -13.76 6.84
N THR B 166 20.68 -13.65 5.76
CA THR B 166 21.35 -12.41 5.42
C THR B 166 20.36 -11.38 4.86
N PHE B 167 19.46 -11.83 3.96
CA PHE B 167 18.49 -11.00 3.27
C PHE B 167 17.10 -11.13 3.86
N PHE B 168 16.20 -10.14 3.60
CA PHE B 168 14.86 -10.16 4.17
C PHE B 168 13.95 -11.31 3.66
N GLY B 169 14.26 -11.86 2.50
CA GLY B 169 13.52 -12.99 1.95
C GLY B 169 14.19 -14.35 2.05
N GLY B 170 15.38 -14.41 2.66
CA GLY B 170 16.13 -15.66 2.85
C GLY B 170 17.62 -15.57 2.57
N ASN B 171 18.21 -16.69 2.08
CA ASN B 171 19.63 -16.86 1.76
C ASN B 171 20.06 -16.03 0.56
N SER B 172 19.16 -15.85 -0.41
CA SER B 172 19.41 -15.10 -1.64
C SER B 172 18.56 -13.84 -1.68
N ILE B 173 18.99 -12.86 -2.47
CA ILE B 173 18.35 -11.57 -2.67
C ILE B 173 16.96 -11.72 -3.37
N SER B 174 15.93 -11.08 -2.83
CA SER B 174 14.59 -11.18 -3.39
C SER B 174 13.94 -9.82 -3.53
N MET B 175 12.66 -9.78 -3.94
CA MET B 175 11.90 -8.55 -4.18
C MET B 175 12.03 -7.54 -3.04
N ILE B 176 11.76 -7.99 -1.82
CA ILE B 176 11.76 -7.14 -0.63
C ILE B 176 13.10 -6.40 -0.40
N ASP B 177 14.27 -7.03 -0.69
CA ASP B 177 15.56 -6.35 -0.51
C ASP B 177 15.68 -5.16 -1.48
N TYR B 178 15.30 -5.36 -2.74
CA TYR B 178 15.32 -4.32 -3.79
C TYR B 178 14.33 -3.19 -3.51
N LEU B 179 13.22 -3.49 -2.86
CA LEU B 179 12.16 -2.51 -2.57
C LEU B 179 12.62 -1.57 -1.44
N ILE B 180 13.47 -2.06 -0.51
CA ILE B 180 13.91 -1.20 0.58
C ILE B 180 15.34 -0.65 0.36
N TRP B 181 16.14 -1.26 -0.53
CA TRP B 181 17.53 -0.83 -0.81
C TRP B 181 17.67 0.66 -1.16
N PRO B 182 16.81 1.27 -2.04
CA PRO B 182 17.03 2.69 -2.41
C PRO B 182 17.21 3.69 -1.27
N TRP B 183 16.63 3.44 -0.08
CA TRP B 183 16.83 4.36 1.02
C TRP B 183 18.09 4.09 1.79
N PHE B 184 18.49 2.81 1.89
CA PHE B 184 19.72 2.42 2.58
C PHE B 184 20.95 2.75 1.77
N GLU B 185 20.82 2.90 0.44
CA GLU B 185 21.90 3.27 -0.45
C GLU B 185 22.49 4.64 -0.14
N ARG B 186 21.65 5.53 0.43
CA ARG B 186 21.96 6.93 0.70
C ARG B 186 22.36 7.26 2.11
N LEU B 187 22.38 6.27 3.03
CA LEU B 187 22.69 6.53 4.45
C LEU B 187 24.05 7.17 4.65
N GLU B 188 25.08 6.72 3.90
CA GLU B 188 26.42 7.32 3.95
C GLU B 188 26.35 8.74 3.42
N ALA B 189 25.60 8.96 2.32
CA ALA B 189 25.45 10.27 1.70
C ALA B 189 24.71 11.27 2.58
N MET B 190 23.88 10.76 3.51
CA MET B 190 23.09 11.54 4.47
C MET B 190 23.75 11.69 5.84
N LYS B 191 24.96 11.08 6.01
CA LYS B 191 25.77 11.02 7.23
C LYS B 191 25.06 10.24 8.35
N LEU B 192 24.19 9.27 7.94
CA LEU B 192 23.41 8.47 8.88
C LEU B 192 23.98 7.09 9.16
N ASN B 193 25.26 6.88 8.82
CA ASN B 193 25.97 5.63 9.04
C ASN B 193 25.91 5.15 10.49
N GLU B 194 25.93 6.09 11.49
CA GLU B 194 25.84 5.81 12.92
C GLU B 194 24.53 5.09 13.31
N CYS B 195 23.44 5.31 12.53
CA CYS B 195 22.13 4.74 12.82
C CYS B 195 22.06 3.22 12.62
N VAL B 196 23.10 2.63 12.02
CA VAL B 196 23.16 1.18 11.85
C VAL B 196 24.22 0.56 12.85
N ASP B 197 24.67 1.34 13.87
CA ASP B 197 25.65 0.93 14.91
C ASP B 197 25.19 -0.23 15.83
N HIS B 198 23.91 -0.23 16.25
CA HIS B 198 23.36 -1.27 17.13
C HIS B 198 22.48 -2.26 16.36
N THR B 199 22.60 -2.26 15.03
CA THR B 199 21.85 -3.21 14.18
C THR B 199 22.89 -4.00 13.33
N PRO B 200 23.59 -5.00 13.90
CA PRO B 200 24.64 -5.71 13.14
C PRO B 200 24.15 -6.49 11.91
N LYS B 201 22.98 -7.13 11.99
CA LYS B 201 22.40 -7.90 10.89
C LYS B 201 22.10 -6.97 9.71
N LEU B 202 21.51 -5.77 10.00
CA LEU B 202 21.21 -4.76 8.99
C LEU B 202 22.49 -4.22 8.36
N LYS B 203 23.56 -4.05 9.16
CA LYS B 203 24.88 -3.62 8.66
C LYS B 203 25.47 -4.65 7.70
N LEU B 204 25.35 -5.96 8.05
CA LEU B 204 25.79 -7.07 7.21
C LEU B 204 24.92 -7.15 5.93
N TRP B 205 23.59 -6.92 6.09
CA TRP B 205 22.68 -6.93 4.94
C TRP B 205 23.08 -5.82 3.95
N MET B 206 23.43 -4.63 4.43
CA MET B 206 23.83 -3.51 3.57
C MET B 206 25.06 -3.85 2.72
N ALA B 207 26.09 -4.46 3.33
CA ALA B 207 27.33 -4.87 2.65
C ALA B 207 27.05 -5.95 1.60
N ALA B 208 26.13 -6.88 1.89
CA ALA B 208 25.77 -7.93 0.96
C ALA B 208 25.01 -7.36 -0.26
N MET B 209 24.20 -6.31 -0.05
CA MET B 209 23.43 -5.67 -1.10
C MET B 209 24.34 -4.91 -2.04
N LYS B 210 25.33 -4.20 -1.49
CA LYS B 210 26.33 -3.44 -2.26
C LYS B 210 27.22 -4.34 -3.15
N GLU B 211 27.28 -5.65 -2.88
CA GLU B 211 28.04 -6.62 -3.67
C GLU B 211 27.21 -7.20 -4.82
N ASP B 212 25.86 -7.07 -4.74
CA ASP B 212 24.94 -7.62 -5.75
C ASP B 212 25.16 -7.01 -7.13
N PRO B 213 25.25 -7.82 -8.20
CA PRO B 213 25.46 -7.23 -9.56
C PRO B 213 24.41 -6.21 -9.99
N THR B 214 23.13 -6.42 -9.65
CA THR B 214 22.09 -5.44 -10.04
C THR B 214 22.28 -4.12 -9.28
N VAL B 215 22.34 -4.22 -7.95
CA VAL B 215 22.52 -3.08 -7.05
C VAL B 215 23.74 -2.25 -7.50
N SER B 216 24.93 -2.88 -7.62
CA SER B 216 26.19 -2.23 -7.98
C SER B 216 26.15 -1.48 -9.29
N ALA B 217 25.50 -2.07 -10.32
CA ALA B 217 25.35 -1.51 -11.67
C ALA B 217 24.56 -0.18 -11.72
N LEU B 218 23.74 0.12 -10.66
CA LEU B 218 22.89 1.31 -10.60
C LEU B 218 23.43 2.41 -9.67
N LEU B 219 24.53 2.12 -8.95
CA LEU B 219 25.14 3.07 -8.03
C LEU B 219 25.74 4.23 -8.79
N THR B 220 25.48 5.43 -8.30
CA THR B 220 25.92 6.73 -8.85
C THR B 220 26.70 7.50 -7.76
N SER B 221 27.22 8.70 -8.12
CA SER B 221 27.98 9.58 -7.23
C SER B 221 27.11 10.13 -6.08
N GLU B 222 27.64 10.10 -4.84
CA GLU B 222 26.97 10.61 -3.64
C GLU B 222 26.88 12.14 -3.70
N LYS B 223 27.84 12.73 -4.44
CA LYS B 223 27.94 14.15 -4.65
C LYS B 223 26.90 14.62 -5.65
N ASP B 224 26.62 13.81 -6.69
CA ASP B 224 25.55 14.10 -7.64
C ASP B 224 24.24 14.13 -6.84
N TRP B 225 24.00 13.07 -6.01
CA TRP B 225 22.81 12.96 -5.14
C TRP B 225 22.66 14.16 -4.18
N GLN B 226 23.75 14.54 -3.47
CA GLN B 226 23.76 15.67 -2.53
C GLN B 226 23.51 16.98 -3.23
N GLY B 227 24.15 17.21 -4.38
CA GLY B 227 23.95 18.42 -5.18
C GLY B 227 22.51 18.50 -5.67
N PHE B 228 21.94 17.34 -6.12
CA PHE B 228 20.55 17.23 -6.55
C PHE B 228 19.64 17.64 -5.37
N LEU B 229 19.92 17.12 -4.15
CA LEU B 229 19.11 17.38 -2.97
C LEU B 229 19.05 18.86 -2.63
N GLU B 230 20.21 19.54 -2.64
CA GLU B 230 20.30 20.99 -2.43
C GLU B 230 19.36 21.73 -3.38
N LEU B 231 19.44 21.42 -4.70
CA LEU B 231 18.62 22.05 -5.73
C LEU B 231 17.15 21.71 -5.61
N TYR B 232 16.86 20.44 -5.25
CA TYR B 232 15.50 19.96 -5.06
C TYR B 232 14.82 20.77 -3.93
N LEU B 233 15.51 20.94 -2.76
CA LEU B 233 14.99 21.71 -1.61
C LEU B 233 14.68 23.17 -2.01
N GLN B 234 15.50 23.75 -2.92
CA GLN B 234 15.33 25.07 -3.47
C GLN B 234 14.20 25.14 -4.51
N ASN B 235 13.53 24.01 -4.84
CA ASN B 235 12.48 23.92 -5.86
C ASN B 235 13.03 24.30 -7.25
N SER B 236 14.30 23.89 -7.55
CA SER B 236 14.97 24.20 -8.83
C SER B 236 14.63 23.24 -10.00
N PRO B 237 14.35 23.79 -11.20
CA PRO B 237 14.11 22.91 -12.35
C PRO B 237 15.42 22.31 -12.91
N GLU B 238 16.56 22.61 -12.25
CA GLU B 238 17.86 22.10 -12.64
C GLU B 238 18.26 20.92 -11.79
N ALA B 239 17.46 20.64 -10.72
CA ALA B 239 17.73 19.54 -9.77
C ALA B 239 17.85 18.20 -10.41
N CYS B 240 16.85 17.81 -11.20
CA CYS B 240 16.76 16.49 -11.78
C CYS B 240 17.85 16.16 -12.81
N ASP B 241 18.46 17.18 -13.45
CA ASP B 241 19.53 17.01 -14.43
C ASP B 241 20.93 17.29 -13.84
N TYR B 242 21.05 17.41 -12.50
CA TYR B 242 22.33 17.68 -11.83
C TYR B 242 23.41 16.63 -12.16
N GLY B 243 24.52 17.09 -12.75
CA GLY B 243 25.65 16.23 -13.07
C GLY B 243 25.73 15.78 -14.50
N LEU B 244 24.71 16.14 -15.33
CA LEU B 244 24.62 15.80 -16.76
C LEU B 244 25.26 16.90 -17.64
#